data_7LKY
#
_entry.id   7LKY
#
_cell.length_a   43.394
_cell.length_b   45.345
_cell.length_c   64.442
_cell.angle_alpha   90.020
_cell.angle_beta   95.190
_cell.angle_gamma   90.070
#
_symmetry.space_group_name_H-M   'P 1'
#
loop_
_entity.id
_entity.type
_entity.pdbx_description
1 polymer 'Isoform 1 of PHD finger protein 1'
2 polymer 'Peptidomimetic inhibitor UNC6641'
3 non-polymer 'ZINC ION'
4 non-polymer 'DIMETHYL SULFOXIDE'
5 water water
#
loop_
_entity_poly.entity_id
_entity_poly.type
_entity_poly.pdbx_seq_one_letter_code
_entity_poly.pdbx_strand_id
1 'polypeptide(L)' GPLGRPRLWEGQDVLARWTDGLLYLGTIKKVDSAREVCLVQFEDDSQFLVLWKDISPAALPGEE A,B,C,D,E,F,G,H
2 'polypeptide(L)' GGV(Y57)KPLR J,I,K,L,M,N,O,P
#
loop_
_chem_comp.id
_chem_comp.type
_chem_comp.name
_chem_comp.formula
DMS non-polymer 'DIMETHYL SULFOXIDE' 'C2 H6 O S'
ZN non-polymer 'ZINC ION' 'Zn 2'
#
# COMPACT_ATOMS: atom_id res chain seq x y z
N PRO A 6 0.92 -14.48 -23.56
CA PRO A 6 1.18 -13.61 -22.41
C PRO A 6 0.70 -14.21 -21.09
N ARG A 7 1.39 -13.92 -19.98
CA ARG A 7 0.95 -14.46 -18.70
C ARG A 7 -0.45 -14.00 -18.33
N LEU A 8 -0.84 -12.79 -18.75
CA LEU A 8 -2.19 -12.29 -18.59
C LEU A 8 -2.77 -11.93 -19.96
N TRP A 9 -4.07 -12.11 -20.11
CA TRP A 9 -4.74 -11.83 -21.37
C TRP A 9 -6.20 -11.47 -21.10
N GLU A 10 -6.81 -10.84 -22.11
CA GLU A 10 -8.21 -10.46 -22.00
C GLU A 10 -9.10 -11.69 -22.02
N GLY A 11 -10.06 -11.73 -21.09
CA GLY A 11 -10.94 -12.88 -20.95
C GLY A 11 -10.40 -13.99 -20.06
N GLN A 12 -9.26 -13.78 -19.42
CA GLN A 12 -8.67 -14.79 -18.55
C GLN A 12 -9.31 -14.74 -17.17
N ASP A 13 -9.59 -15.92 -16.60
CA ASP A 13 -10.10 -16.02 -15.25
C ASP A 13 -8.94 -15.92 -14.26
N VAL A 14 -9.09 -15.10 -13.23
CA VAL A 14 -8.01 -14.78 -12.31
C VAL A 14 -8.54 -14.67 -10.89
N LEU A 15 -7.61 -14.57 -9.95
CA LEU A 15 -7.87 -14.31 -8.55
C LEU A 15 -7.20 -12.97 -8.22
N ALA A 16 -7.99 -12.01 -7.76
CA ALA A 16 -7.50 -10.65 -7.53
C ALA A 16 -7.68 -10.27 -6.07
N ARG A 17 -6.67 -9.61 -5.51
CA ARG A 17 -6.70 -9.18 -4.11
C ARG A 17 -7.24 -7.76 -4.00
N TRP A 18 -8.26 -7.58 -3.17
CA TRP A 18 -8.83 -6.28 -2.86
C TRP A 18 -8.01 -5.64 -1.75
N THR A 19 -8.39 -4.42 -1.35
CA THR A 19 -7.70 -3.76 -0.24
C THR A 19 -7.99 -4.41 1.09
N ASP A 20 -9.10 -5.16 1.20
CA ASP A 20 -9.37 -5.92 2.41
C ASP A 20 -8.39 -7.06 2.61
N GLY A 21 -7.55 -7.35 1.62
CA GLY A 21 -6.64 -8.47 1.70
C GLY A 21 -7.22 -9.80 1.26
N LEU A 22 -8.44 -9.80 0.72
CA LEU A 22 -9.13 -11.02 0.34
C LEU A 22 -9.11 -11.20 -1.17
N LEU A 23 -9.08 -12.46 -1.59
CA LEU A 23 -9.07 -12.80 -3.00
C LEU A 23 -10.47 -13.01 -3.53
N TYR A 24 -10.73 -12.49 -4.73
CA TYR A 24 -12.01 -12.60 -5.40
C TYR A 24 -11.78 -13.16 -6.79
N LEU A 25 -12.68 -14.03 -7.24
CA LEU A 25 -12.66 -14.47 -8.63
C LEU A 25 -13.01 -13.30 -9.54
N GLY A 26 -12.14 -13.04 -10.53
CA GLY A 26 -12.37 -11.97 -11.46
C GLY A 26 -12.08 -12.41 -12.88
N THR A 27 -12.50 -11.58 -13.82
CA THR A 27 -12.21 -11.82 -15.24
C THR A 27 -11.51 -10.59 -15.81
N ILE A 28 -10.41 -10.81 -16.52
CA ILE A 28 -9.66 -9.70 -17.11
C ILE A 28 -10.36 -9.24 -18.38
N LYS A 29 -10.47 -7.92 -18.53
CA LYS A 29 -11.16 -7.31 -19.66
C LYS A 29 -10.25 -6.53 -20.59
N LYS A 30 -9.18 -5.93 -20.06
CA LYS A 30 -8.19 -5.20 -20.82
C LYS A 30 -6.94 -5.07 -19.97
N VAL A 31 -5.79 -5.30 -20.59
CA VAL A 31 -4.52 -5.34 -19.88
C VAL A 31 -3.67 -4.14 -20.32
N ASP A 32 -3.01 -3.51 -19.35
CA ASP A 32 -2.11 -2.37 -19.59
C ASP A 32 -0.75 -2.78 -19.04
N SER A 33 0.08 -3.37 -19.91
CA SER A 33 1.37 -3.88 -19.47
C SER A 33 2.30 -2.77 -19.00
N ALA A 34 2.15 -1.55 -19.54
CA ALA A 34 3.04 -0.47 -19.18
C ALA A 34 2.87 -0.08 -17.71
N ARG A 35 1.64 -0.10 -17.21
CA ARG A 35 1.36 0.28 -15.83
C ARG A 35 1.23 -0.92 -14.90
N GLU A 36 1.41 -2.14 -15.40
CA GLU A 36 1.22 -3.35 -14.59
C GLU A 36 -0.15 -3.35 -13.94
N VAL A 37 -1.17 -3.09 -14.74
CA VAL A 37 -2.54 -2.91 -14.26
C VAL A 37 -3.47 -3.60 -15.23
N CYS A 38 -4.59 -4.11 -14.70
CA CYS A 38 -5.60 -4.74 -15.52
C CYS A 38 -6.99 -4.22 -15.16
N LEU A 39 -7.88 -4.26 -16.14
CA LEU A 39 -9.31 -4.16 -15.87
C LEU A 39 -9.80 -5.54 -15.43
N VAL A 40 -10.43 -5.61 -14.26
CA VAL A 40 -10.99 -6.86 -13.78
C VAL A 40 -12.44 -6.63 -13.41
N GLN A 41 -13.32 -7.51 -13.88
CA GLN A 41 -14.73 -7.47 -13.55
C GLN A 41 -15.07 -8.63 -12.63
N PHE A 42 -15.97 -8.40 -11.69
CA PHE A 42 -16.24 -9.34 -10.62
C PHE A 42 -17.71 -9.75 -10.63
N GLU A 43 -18.02 -10.75 -9.81
CA GLU A 43 -19.33 -11.40 -9.88
C GLU A 43 -20.49 -10.42 -9.77
N ASP A 44 -20.27 -9.27 -9.17
CA ASP A 44 -21.28 -8.21 -9.11
C ASP A 44 -21.22 -7.29 -10.32
N ASP A 45 -20.53 -7.71 -11.39
CA ASP A 45 -20.39 -6.93 -12.62
C ASP A 45 -19.56 -5.67 -12.45
N SER A 46 -19.23 -5.31 -11.21
CA SER A 46 -18.37 -4.17 -10.98
C SER A 46 -17.06 -4.34 -11.74
N GLN A 47 -16.36 -3.23 -11.95
CA GLN A 47 -15.06 -3.24 -12.60
C GLN A 47 -14.08 -2.40 -11.80
N PHE A 48 -12.86 -2.92 -11.65
CA PHE A 48 -11.80 -2.20 -10.97
C PHE A 48 -10.52 -2.29 -11.79
N LEU A 49 -9.60 -1.38 -11.50
CA LEU A 49 -8.22 -1.47 -11.96
C LEU A 49 -7.41 -2.14 -10.87
N VAL A 50 -6.73 -3.22 -11.22
CA VAL A 50 -6.03 -4.08 -10.27
C VAL A 50 -4.58 -4.18 -10.69
N LEU A 51 -3.68 -3.80 -9.80
CA LEU A 51 -2.25 -3.94 -10.05
C LEU A 51 -1.89 -5.40 -10.29
N TRP A 52 -0.92 -5.61 -11.17
CA TRP A 52 -0.50 -6.97 -11.50
C TRP A 52 -0.09 -7.75 -10.26
N LYS A 53 0.51 -7.08 -9.27
CA LYS A 53 0.96 -7.76 -8.06
C LYS A 53 -0.20 -8.28 -7.23
N ASP A 54 -1.42 -7.85 -7.52
CA ASP A 54 -2.62 -8.33 -6.84
C ASP A 54 -3.41 -9.32 -7.69
N ILE A 55 -2.84 -9.76 -8.81
CA ILE A 55 -3.48 -10.67 -9.74
C ILE A 55 -2.69 -11.97 -9.78
N SER A 56 -3.40 -13.10 -9.78
CA SER A 56 -2.79 -14.39 -10.04
C SER A 56 -3.74 -15.17 -10.93
N PRO A 57 -3.21 -16.00 -11.83
CA PRO A 57 -4.10 -16.83 -12.65
C PRO A 57 -4.94 -17.75 -11.78
N ALA A 58 -6.19 -17.93 -12.16
CA ALA A 58 -7.07 -18.89 -11.52
C ALA A 58 -6.90 -20.30 -12.08
N ALA A 59 -5.66 -20.70 -12.34
CA ALA A 59 -5.36 -21.99 -12.95
C ALA A 59 -3.90 -22.32 -12.67
N LEU A 60 -3.65 -23.57 -12.30
CA LEU A 60 -2.29 -24.03 -12.11
C LEU A 60 -1.62 -24.22 -13.48
N PRO A 61 -0.31 -23.95 -13.57
CA PRO A 61 0.41 -24.13 -14.83
C PRO A 61 0.19 -25.51 -15.45
N ARG B 7 33.12 -8.85 -17.11
CA ARG B 7 32.96 -9.38 -15.76
C ARG B 7 31.51 -9.22 -15.29
N LEU B 8 30.94 -8.07 -15.62
CA LEU B 8 29.50 -7.82 -15.50
C LEU B 8 28.91 -7.66 -16.89
N TRP B 9 27.58 -7.72 -16.97
CA TRP B 9 26.93 -7.49 -18.25
C TRP B 9 25.47 -7.16 -18.03
N GLU B 10 24.86 -6.56 -19.04
CA GLU B 10 23.45 -6.21 -18.98
C GLU B 10 22.60 -7.46 -18.80
N GLY B 11 21.58 -7.34 -17.95
CA GLY B 11 20.69 -8.46 -17.67
C GLY B 11 21.23 -9.50 -16.72
N GLN B 12 22.47 -9.33 -16.24
CA GLN B 12 23.07 -10.31 -15.35
C GLN B 12 22.39 -10.27 -13.98
N ASP B 13 22.18 -11.45 -13.40
CA ASP B 13 21.66 -11.56 -12.03
C ASP B 13 22.81 -11.42 -11.04
N VAL B 14 22.64 -10.49 -10.09
CA VAL B 14 23.72 -10.12 -9.18
C VAL B 14 23.16 -9.99 -7.77
N LEU B 15 24.08 -9.95 -6.81
CA LEU B 15 23.81 -9.64 -5.42
C LEU B 15 24.46 -8.29 -5.14
N ALA B 16 23.63 -7.30 -4.79
CA ALA B 16 24.09 -5.94 -4.57
C ALA B 16 23.92 -5.56 -3.11
N ARG B 17 24.85 -4.77 -2.59
CA ARG B 17 24.85 -4.39 -1.18
C ARG B 17 24.42 -2.94 -1.02
N TRP B 18 23.41 -2.73 -0.16
CA TRP B 18 22.84 -1.42 0.12
C TRP B 18 23.59 -0.79 1.29
N THR B 19 23.19 0.42 1.68
CA THR B 19 23.85 1.10 2.79
C THR B 19 23.52 0.46 4.13
N ASP B 20 22.45 -0.33 4.21
CA ASP B 20 22.11 -1.06 5.44
C ASP B 20 22.97 -2.30 5.64
N GLY B 21 23.99 -2.50 4.82
CA GLY B 21 24.86 -3.65 4.93
C GLY B 21 24.29 -4.95 4.42
N LEU B 22 23.11 -4.92 3.81
CA LEU B 22 22.40 -6.11 3.39
C LEU B 22 22.58 -6.36 1.90
N LEU B 23 22.46 -7.62 1.51
CA LEU B 23 22.50 -8.01 0.11
C LEU B 23 21.08 -8.19 -0.43
N TYR B 24 20.89 -7.79 -1.68
CA TYR B 24 19.62 -7.89 -2.36
C TYR B 24 19.85 -8.43 -3.77
N LEU B 25 18.93 -9.27 -4.23
CA LEU B 25 18.97 -9.72 -5.60
C LEU B 25 18.67 -8.55 -6.54
N GLY B 26 19.42 -8.47 -7.63
CA GLY B 26 19.20 -7.42 -8.60
C GLY B 26 19.61 -7.85 -9.99
N THR B 27 19.26 -7.00 -10.96
CA THR B 27 19.57 -7.20 -12.38
C THR B 27 20.23 -5.95 -12.91
N ILE B 28 21.37 -6.11 -13.59
CA ILE B 28 22.11 -4.96 -14.13
C ILE B 28 21.54 -4.59 -15.49
N LYS B 29 21.64 -3.29 -15.82
CA LYS B 29 20.99 -2.71 -16.99
C LYS B 29 21.98 -1.87 -17.80
N LYS B 30 22.71 -0.97 -17.13
CA LYS B 30 23.76 -0.17 -17.74
C LYS B 30 25.01 -0.24 -16.88
N VAL B 31 26.11 -0.71 -17.47
CA VAL B 31 27.39 -0.81 -16.78
C VAL B 31 28.27 0.34 -17.24
N ASP B 32 28.60 1.23 -16.31
CA ASP B 32 29.53 2.33 -16.59
C ASP B 32 30.93 1.84 -16.20
N SER B 33 31.71 1.44 -17.22
CA SER B 33 33.03 0.89 -16.97
C SER B 33 34.01 1.96 -16.51
N ALA B 34 33.80 3.21 -16.92
CA ALA B 34 34.71 4.28 -16.53
C ALA B 34 34.53 4.64 -15.06
N ARG B 35 33.27 4.79 -14.63
CA ARG B 35 32.96 5.09 -13.23
C ARG B 35 32.90 3.85 -12.37
N GLU B 36 32.90 2.66 -12.97
CA GLU B 36 32.78 1.40 -12.26
C GLU B 36 31.55 1.41 -11.35
N VAL B 37 30.41 1.55 -12.01
CA VAL B 37 29.11 1.53 -11.35
C VAL B 37 28.08 1.07 -12.38
N CYS B 38 27.06 0.38 -11.91
CA CYS B 38 26.00 -0.09 -12.80
C CYS B 38 24.65 0.48 -12.36
N LEU B 39 23.70 0.43 -13.29
CA LEU B 39 22.29 0.58 -12.97
C LEU B 39 21.74 -0.79 -12.65
N VAL B 40 21.13 -0.94 -11.47
CA VAL B 40 20.63 -2.23 -11.01
C VAL B 40 19.17 -2.05 -10.62
N GLN B 41 18.31 -2.91 -11.15
CA GLN B 41 16.91 -2.95 -10.75
C GLN B 41 16.70 -4.07 -9.75
N PHE B 42 15.74 -3.87 -8.86
CA PHE B 42 15.47 -4.80 -7.77
C PHE B 42 14.01 -5.26 -7.82
N GLU B 43 13.62 -6.05 -6.83
CA GLU B 43 12.36 -6.79 -6.93
C GLU B 43 11.16 -5.85 -6.99
N ASP B 44 11.20 -4.76 -6.23
CA ASP B 44 10.13 -3.77 -6.27
C ASP B 44 10.19 -2.89 -7.51
N ASP B 45 10.97 -3.29 -8.52
CA ASP B 45 11.11 -2.55 -9.78
C ASP B 45 11.96 -1.30 -9.61
N SER B 46 12.33 -0.99 -8.37
CA SER B 46 13.19 0.15 -8.12
C SER B 46 14.53 -0.04 -8.81
N GLN B 47 15.21 1.08 -9.06
CA GLN B 47 16.53 1.09 -9.69
C GLN B 47 17.47 1.98 -8.89
N PHE B 48 18.73 1.55 -8.78
CA PHE B 48 19.76 2.29 -8.08
C PHE B 48 21.06 2.19 -8.87
N LEU B 49 21.89 3.22 -8.74
CA LEU B 49 23.26 3.14 -9.20
C LEU B 49 24.11 2.52 -8.10
N VAL B 50 24.66 1.34 -8.38
CA VAL B 50 25.37 0.56 -7.39
C VAL B 50 26.84 0.45 -7.80
N LEU B 51 27.73 0.63 -6.83
CA LEU B 51 29.15 0.65 -7.08
C LEU B 51 29.67 -0.77 -7.25
N TRP B 52 30.62 -0.96 -8.17
CA TRP B 52 31.18 -2.29 -8.38
C TRP B 52 31.64 -2.93 -7.07
N LYS B 53 32.05 -2.10 -6.10
CA LYS B 53 32.40 -2.64 -4.79
C LYS B 53 31.25 -3.42 -4.18
N ASP B 54 30.01 -3.01 -4.45
CA ASP B 54 28.84 -3.59 -3.80
C ASP B 54 28.13 -4.62 -4.68
N ILE B 55 28.68 -4.95 -5.85
CA ILE B 55 28.06 -5.89 -6.78
C ILE B 55 28.88 -7.17 -6.78
N SER B 56 28.20 -8.30 -6.81
CA SER B 56 28.86 -9.58 -7.01
C SER B 56 27.93 -10.48 -7.81
N PRO B 57 28.45 -11.19 -8.82
CA PRO B 57 27.60 -12.15 -9.54
C PRO B 57 26.97 -13.15 -8.58
N ALA B 58 25.68 -13.40 -8.79
CA ALA B 58 24.93 -14.38 -8.00
C ALA B 58 25.08 -15.79 -8.56
N ALA B 59 26.22 -16.11 -9.13
CA ALA B 59 26.49 -17.42 -9.71
C ALA B 59 27.92 -17.81 -9.39
N LEU B 60 28.16 -19.12 -9.27
CA LEU B 60 29.52 -19.57 -8.98
C LEU B 60 30.36 -19.57 -10.26
N PRO B 61 31.67 -19.36 -10.14
CA PRO B 61 32.63 -19.18 -11.23
C PRO B 61 32.39 -20.10 -12.43
N ARG C 7 -8.18 1.38 2.68
CA ARG C 7 -9.22 0.57 3.28
C ARG C 7 -10.60 0.94 2.71
N LEU C 8 -11.17 2.02 3.22
CA LEU C 8 -12.59 2.32 3.00
C LEU C 8 -12.91 2.48 1.51
N TRP C 9 -14.12 2.09 1.14
CA TRP C 9 -14.60 2.23 -0.24
C TRP C 9 -16.10 2.45 -0.23
N GLU C 10 -16.60 3.03 -1.33
CA GLU C 10 -18.02 3.35 -1.43
C GLU C 10 -18.85 2.08 -1.50
N GLY C 11 -20.05 2.12 -0.92
CA GLY C 11 -20.91 0.97 -0.82
C GLY C 11 -20.52 -0.02 0.26
N GLN C 12 -19.29 0.06 0.77
CA GLN C 12 -18.82 -0.85 1.80
C GLN C 12 -19.81 -0.93 2.94
N ASP C 13 -19.97 -2.14 3.49
CA ASP C 13 -20.80 -2.36 4.66
C ASP C 13 -19.93 -2.27 5.90
N VAL C 14 -20.30 -1.40 6.84
CA VAL C 14 -19.46 -1.06 7.97
C VAL C 14 -20.32 -1.00 9.23
N LEU C 15 -19.63 -0.96 10.37
CA LEU C 15 -20.20 -0.61 11.65
C LEU C 15 -19.70 0.79 12.01
N ALA C 16 -20.63 1.69 12.30
CA ALA C 16 -20.29 3.07 12.65
C ALA C 16 -20.77 3.35 14.06
N ARG C 17 -19.93 4.03 14.85
CA ARG C 17 -20.25 4.34 16.23
C ARG C 17 -20.81 5.74 16.34
N TRP C 18 -21.88 5.88 17.12
CA TRP C 18 -22.57 7.13 17.34
C TRP C 18 -22.09 7.72 18.67
N THR C 19 -22.67 8.85 19.07
CA THR C 19 -22.31 9.47 20.33
C THR C 19 -22.95 8.80 21.53
N ASP C 20 -23.92 7.90 21.31
CA ASP C 20 -24.44 7.08 22.40
C ASP C 20 -23.52 5.92 22.73
N GLY C 21 -22.49 5.68 21.93
CA GLY C 21 -21.53 4.63 22.19
C GLY C 21 -21.84 3.31 21.51
N LEU C 22 -22.95 3.20 20.79
CA LEU C 22 -23.40 1.96 20.20
C LEU C 22 -23.03 1.91 18.72
N LEU C 23 -22.82 0.69 18.22
CA LEU C 23 -22.48 0.48 16.82
C LEU C 23 -23.73 0.24 15.98
N TYR C 24 -23.74 0.80 14.77
CA TYR C 24 -24.87 0.71 13.87
C TYR C 24 -24.38 0.20 12.51
N LEU C 25 -25.26 -0.49 11.80
CA LEU C 25 -24.95 -0.97 10.46
C LEU C 25 -25.10 0.17 9.48
N GLY C 26 -24.00 0.51 8.78
CA GLY C 26 -24.02 1.60 7.84
C GLY C 26 -23.42 1.19 6.50
N THR C 27 -23.79 1.94 5.48
CA THR C 27 -23.25 1.77 4.14
C THR C 27 -22.51 3.05 3.76
N ILE C 28 -21.23 2.90 3.44
CA ILE C 28 -20.44 4.06 3.03
C ILE C 28 -20.90 4.50 1.65
N LYS C 29 -21.38 5.75 1.55
CA LYS C 29 -21.76 6.35 0.30
C LYS C 29 -20.64 7.18 -0.32
N LYS C 30 -19.73 7.70 0.49
CA LYS C 30 -18.72 8.64 -0.01
C LYS C 30 -17.57 8.71 0.98
N VAL C 31 -16.34 8.67 0.45
CA VAL C 31 -15.12 8.70 1.26
C VAL C 31 -14.45 10.04 1.07
N ASP C 32 -14.18 10.73 2.19
CA ASP C 32 -13.49 12.01 2.21
C ASP C 32 -12.08 11.78 2.74
N SER C 33 -11.15 11.47 1.84
CA SER C 33 -9.77 11.23 2.25
C SER C 33 -9.15 12.45 2.90
N ALA C 34 -9.60 13.65 2.52
CA ALA C 34 -9.05 14.86 3.10
C ALA C 34 -9.31 14.93 4.60
N ARG C 35 -10.57 14.84 5.01
CA ARG C 35 -10.95 14.88 6.41
C ARG C 35 -10.88 13.52 7.08
N GLU C 36 -10.74 12.46 6.31
CA GLU C 36 -10.74 11.11 6.86
C GLU C 36 -12.08 10.82 7.52
N VAL C 37 -13.15 11.10 6.77
CA VAL C 37 -14.52 10.83 7.15
C VAL C 37 -15.23 10.20 5.96
N CYS C 38 -16.51 9.93 6.13
CA CYS C 38 -17.34 9.37 5.08
C CYS C 38 -18.77 9.82 5.31
N LEU C 39 -19.52 9.93 4.22
CA LEU C 39 -20.97 9.97 4.33
C LEU C 39 -21.43 8.53 4.50
N VAL C 40 -21.98 8.20 5.66
CA VAL C 40 -22.49 6.87 5.94
C VAL C 40 -24.00 6.97 6.04
N GLN C 41 -24.68 6.00 5.44
CA GLN C 41 -26.15 5.95 5.43
C GLN C 41 -26.64 4.73 6.17
N PHE C 42 -27.67 4.91 6.99
CA PHE C 42 -28.11 3.92 7.95
C PHE C 42 -29.49 3.36 7.56
N GLU C 43 -29.95 2.39 8.35
CA GLU C 43 -31.10 1.58 7.96
C GLU C 43 -32.38 2.39 7.80
N ASP C 44 -32.46 3.56 8.43
CA ASP C 44 -33.60 4.45 8.23
C ASP C 44 -33.38 5.45 7.11
N ASP C 45 -32.33 5.26 6.31
CA ASP C 45 -31.98 6.10 5.17
C ASP C 45 -31.42 7.46 5.56
N SER C 46 -31.10 7.66 6.84
CA SER C 46 -30.43 8.87 7.26
C SER C 46 -28.97 8.84 6.82
N GLN C 47 -28.43 10.02 6.53
CA GLN C 47 -27.04 10.18 6.15
C GLN C 47 -26.32 11.06 7.15
N PHE C 48 -25.13 10.63 7.56
CA PHE C 48 -24.29 11.39 8.47
C PHE C 48 -22.87 11.43 7.92
N LEU C 49 -22.07 12.35 8.44
CA LEU C 49 -20.63 12.38 8.19
C LEU C 49 -19.93 11.80 9.41
N VAL C 50 -19.21 10.70 9.22
CA VAL C 50 -18.60 9.94 10.30
C VAL C 50 -17.09 9.96 10.12
N LEU C 51 -16.37 10.09 11.23
CA LEU C 51 -14.91 9.98 11.18
C LEU C 51 -14.50 8.55 10.87
N TRP C 52 -13.39 8.42 10.13
CA TRP C 52 -12.85 7.09 9.84
C TRP C 52 -12.60 6.33 11.13
N LYS C 53 -12.12 7.01 12.17
CA LYS C 53 -11.85 6.36 13.45
C LYS C 53 -13.11 5.85 14.12
N ASP C 54 -14.28 6.34 13.73
CA ASP C 54 -15.55 5.87 14.25
C ASP C 54 -16.20 4.83 13.34
N ILE C 55 -15.47 4.36 12.33
CA ILE C 55 -15.96 3.35 11.40
C ILE C 55 -15.04 2.15 11.48
N SER C 56 -15.62 0.95 11.39
CA SER C 56 -14.84 -0.28 11.31
C SER C 56 -15.61 -1.24 10.41
N PRO C 57 -14.93 -1.91 9.48
CA PRO C 57 -15.65 -2.80 8.57
C PRO C 57 -16.48 -3.82 9.34
N ALA C 58 -17.66 -4.12 8.79
CA ALA C 58 -18.53 -5.18 9.30
C ALA C 58 -18.13 -6.56 8.79
N ALA C 59 -16.84 -6.78 8.56
CA ALA C 59 -16.34 -8.05 8.05
C ALA C 59 -15.09 -8.45 8.80
N LEU C 60 -14.83 -9.76 8.83
CA LEU C 60 -13.70 -10.34 9.54
C LEU C 60 -12.42 -10.23 8.69
N PRO C 61 -11.25 -10.14 9.34
CA PRO C 61 -9.94 -9.95 8.69
C PRO C 61 -9.67 -10.89 7.52
N PRO D 6 -24.81 10.37 -25.73
CA PRO D 6 -23.76 10.30 -24.72
C PRO D 6 -22.97 11.60 -24.58
N ARG D 7 -23.23 12.30 -23.48
CA ARG D 7 -22.62 13.60 -23.23
C ARG D 7 -21.10 13.53 -23.12
N LEU D 8 -20.58 12.44 -22.58
CA LEU D 8 -19.14 12.25 -22.47
C LEU D 8 -18.59 11.58 -23.74
N TRP D 9 -17.28 11.73 -23.94
CA TRP D 9 -16.69 11.11 -25.13
C TRP D 9 -15.20 10.88 -24.88
N GLU D 10 -14.64 9.97 -25.67
CA GLU D 10 -13.23 9.64 -25.57
C GLU D 10 -12.38 10.82 -26.01
N GLY D 11 -11.26 11.03 -25.32
CA GLY D 11 -10.41 12.18 -25.56
C GLY D 11 -10.90 13.47 -24.96
N GLN D 12 -12.12 13.48 -24.40
CA GLN D 12 -12.67 14.70 -23.82
C GLN D 12 -11.79 15.19 -22.67
N ASP D 13 -11.50 16.48 -22.67
CA ASP D 13 -10.89 17.12 -21.51
C ASP D 13 -11.95 17.38 -20.46
N VAL D 14 -11.67 17.00 -19.22
CA VAL D 14 -12.67 17.03 -18.15
C VAL D 14 -12.04 17.53 -16.86
N LEU D 15 -12.91 17.91 -15.94
CA LEU D 15 -12.58 18.02 -14.52
C LEU D 15 -13.10 16.80 -13.80
N ALA D 16 -12.28 16.25 -12.91
CA ALA D 16 -12.65 15.09 -12.11
C ALA D 16 -12.38 15.39 -10.64
N ARG D 17 -13.31 14.98 -9.78
CA ARG D 17 -13.17 15.18 -8.34
C ARG D 17 -12.67 13.90 -7.69
N TRP D 18 -11.67 14.05 -6.83
CA TRP D 18 -11.04 12.94 -6.12
C TRP D 18 -11.43 12.99 -4.65
N THR D 19 -11.14 11.87 -3.96
CA THR D 19 -11.63 11.68 -2.59
C THR D 19 -11.21 12.79 -1.65
N ASP D 20 -10.19 13.57 -1.99
CA ASP D 20 -9.87 14.77 -1.23
C ASP D 20 -10.82 15.92 -1.54
N GLY D 21 -11.81 15.70 -2.41
CA GLY D 21 -12.74 16.73 -2.81
C GLY D 21 -12.18 17.75 -3.77
N LEU D 22 -10.93 17.61 -4.19
CA LEU D 22 -10.28 18.57 -5.06
C LEU D 22 -10.51 18.23 -6.53
N LEU D 23 -10.58 19.26 -7.35
CA LEU D 23 -10.77 19.08 -8.79
C LEU D 23 -9.44 18.94 -9.49
N TYR D 24 -9.42 18.12 -10.54
CA TYR D 24 -8.20 17.83 -11.29
C TYR D 24 -8.53 17.80 -12.77
N LEU D 25 -7.66 18.39 -13.58
CA LEU D 25 -7.78 18.28 -15.02
C LEU D 25 -7.41 16.88 -15.48
N GLY D 26 -8.25 16.28 -16.32
CA GLY D 26 -8.00 14.94 -16.81
C GLY D 26 -8.51 14.79 -18.23
N THR D 27 -8.23 13.61 -18.79
CA THR D 27 -8.66 13.28 -20.15
C THR D 27 -9.35 11.93 -20.12
N ILE D 28 -10.58 11.89 -20.63
CA ILE D 28 -11.33 10.64 -20.69
C ILE D 28 -10.68 9.72 -21.72
N LYS D 29 -10.22 8.55 -21.26
CA LYS D 29 -9.61 7.56 -22.12
C LYS D 29 -10.57 6.44 -22.51
N LYS D 30 -11.63 6.20 -21.73
CA LYS D 30 -12.65 5.24 -22.12
C LYS D 30 -13.93 5.55 -21.36
N VAL D 31 -15.06 5.37 -22.02
CA VAL D 31 -16.38 5.68 -21.47
C VAL D 31 -17.10 4.37 -21.16
N ASP D 32 -17.55 4.23 -19.92
CA ASP D 32 -18.26 3.04 -19.47
C ASP D 32 -19.73 3.43 -19.31
N SER D 33 -20.57 2.96 -20.24
CA SER D 33 -21.98 3.33 -20.22
C SER D 33 -22.79 2.41 -19.31
N ALA D 34 -22.33 1.17 -19.11
CA ALA D 34 -23.05 0.25 -18.25
C ALA D 34 -22.91 0.62 -16.78
N ARG D 35 -21.67 0.82 -16.32
CA ARG D 35 -21.40 1.22 -14.94
C ARG D 35 -21.25 2.73 -14.79
N GLU D 36 -21.31 3.48 -15.90
CA GLU D 36 -21.27 4.93 -15.89
C GLU D 36 -20.03 5.45 -15.17
N VAL D 37 -18.90 4.88 -15.52
CA VAL D 37 -17.60 5.38 -15.10
C VAL D 37 -16.80 5.68 -16.37
N CYS D 38 -15.71 6.41 -16.19
CA CYS D 38 -14.75 6.64 -17.26
C CYS D 38 -13.37 6.26 -16.75
N LEU D 39 -12.59 5.60 -17.59
CA LEU D 39 -11.15 5.59 -17.38
C LEU D 39 -10.65 7.01 -17.66
N VAL D 40 -9.94 7.59 -16.70
CA VAL D 40 -9.53 8.98 -16.79
C VAL D 40 -8.03 9.04 -16.54
N GLN D 41 -7.30 9.68 -17.45
CA GLN D 41 -5.86 9.89 -17.32
C GLN D 41 -5.60 11.29 -16.80
N PHE D 42 -4.58 11.41 -15.94
CA PHE D 42 -4.25 12.68 -15.31
C PHE D 42 -2.84 13.11 -15.70
N GLU D 43 -2.49 14.32 -15.30
CA GLU D 43 -1.28 14.98 -15.79
C GLU D 43 -0.02 14.20 -15.47
N ASP D 44 -0.05 13.33 -14.47
CA ASP D 44 1.09 12.46 -14.16
C ASP D 44 1.02 11.14 -14.91
N ASP D 45 0.10 11.00 -15.86
CA ASP D 45 -0.09 9.83 -16.72
C ASP D 45 -0.68 8.63 -15.99
N SER D 46 -0.98 8.74 -14.70
CA SER D 46 -1.71 7.68 -14.03
C SER D 46 -3.14 7.64 -14.57
N GLN D 47 -3.91 6.65 -14.12
CA GLN D 47 -5.28 6.52 -14.59
C GLN D 47 -6.15 6.00 -13.46
N PHE D 48 -7.42 6.40 -13.49
CA PHE D 48 -8.38 6.00 -12.47
C PHE D 48 -9.73 5.78 -13.13
N LEU D 49 -10.49 4.82 -12.58
CA LEU D 49 -11.90 4.71 -12.89
C LEU D 49 -12.65 5.75 -12.05
N VAL D 50 -13.35 6.67 -12.72
CA VAL D 50 -14.02 7.78 -12.06
C VAL D 50 -15.49 7.74 -12.48
N LEU D 51 -16.39 7.70 -11.49
CA LEU D 51 -17.81 7.75 -11.79
C LEU D 51 -18.13 8.98 -12.63
N TRP D 52 -19.01 8.79 -13.62
CA TRP D 52 -19.51 9.93 -14.38
C TRP D 52 -19.90 11.08 -13.47
N LYS D 53 -20.49 10.75 -12.32
CA LYS D 53 -21.02 11.77 -11.44
C LYS D 53 -19.96 12.51 -10.64
N ASP D 54 -18.69 12.13 -10.75
CA ASP D 54 -17.58 12.91 -10.25
C ASP D 54 -16.77 13.53 -11.38
N ILE D 55 -17.41 13.72 -12.53
CA ILE D 55 -16.74 14.20 -13.74
C ILE D 55 -17.64 15.25 -14.39
N SER D 56 -17.02 16.30 -14.92
CA SER D 56 -17.75 17.31 -15.66
C SER D 56 -16.88 17.79 -16.81
N PRO D 57 -17.48 18.37 -17.85
CA PRO D 57 -16.67 18.93 -18.94
C PRO D 57 -15.80 20.08 -18.43
N ALA D 58 -14.56 20.10 -18.91
CA ALA D 58 -13.67 21.23 -18.63
C ALA D 58 -13.98 22.37 -19.59
N ALA D 59 -15.27 22.67 -19.75
CA ALA D 59 -15.71 23.71 -20.67
C ALA D 59 -17.15 24.07 -20.33
N LEU D 60 -17.50 25.33 -20.61
CA LEU D 60 -18.83 25.81 -20.29
C LEU D 60 -19.89 25.13 -21.17
N PRO D 61 -21.12 24.98 -20.66
CA PRO D 61 -22.24 24.38 -21.40
C PRO D 61 -22.47 25.03 -22.76
N PRO E 6 -30.34 -16.83 -1.52
CA PRO E 6 -30.87 -16.91 -0.16
C PRO E 6 -30.38 -15.76 0.72
N ARG E 7 -30.88 -15.68 1.95
CA ARG E 7 -30.41 -14.66 2.87
C ARG E 7 -29.02 -14.96 3.39
N LEU E 8 -28.69 -16.25 3.55
CA LEU E 8 -27.39 -16.69 4.04
C LEU E 8 -26.70 -17.50 2.95
N TRP E 9 -25.43 -17.21 2.71
CA TRP E 9 -24.67 -17.89 1.67
C TRP E 9 -23.22 -18.04 2.13
N GLU E 10 -22.55 -19.07 1.61
CA GLU E 10 -21.16 -19.30 1.96
C GLU E 10 -20.30 -18.10 1.53
N GLY E 11 -19.49 -17.59 2.47
CA GLY E 11 -18.67 -16.42 2.24
C GLY E 11 -19.26 -15.13 2.77
N GLN E 12 -20.48 -15.17 3.30
CA GLN E 12 -21.19 -13.96 3.69
C GLN E 12 -20.71 -13.44 5.03
N ASP E 13 -20.65 -12.11 5.14
CA ASP E 13 -20.29 -11.45 6.40
C ASP E 13 -21.55 -11.34 7.27
N VAL E 14 -21.45 -11.75 8.53
CA VAL E 14 -22.61 -11.84 9.40
C VAL E 14 -22.24 -11.42 10.83
N LEU E 15 -23.28 -11.22 11.63
CA LEU E 15 -23.20 -10.96 13.05
C LEU E 15 -23.93 -12.11 13.74
N ALA E 16 -23.23 -12.84 14.62
CA ALA E 16 -23.76 -14.04 15.24
C ALA E 16 -23.79 -13.88 16.74
N ARG E 17 -24.90 -14.25 17.37
CA ARG E 17 -25.04 -14.16 18.82
C ARG E 17 -24.57 -15.45 19.47
N TRP E 18 -23.68 -15.31 20.46
CA TRP E 18 -23.19 -16.41 21.27
C TRP E 18 -24.04 -16.52 22.54
N THR E 19 -23.83 -17.62 23.28
CA THR E 19 -24.62 -17.86 24.47
C THR E 19 -24.45 -16.77 25.53
N ASP E 20 -23.39 -15.97 25.43
CA ASP E 20 -23.18 -14.84 26.32
C ASP E 20 -24.03 -13.63 25.94
N GLY E 21 -24.97 -13.79 25.02
CA GLY E 21 -25.78 -12.68 24.58
C GLY E 21 -25.04 -11.62 23.80
N LEU E 22 -23.79 -11.87 23.44
CA LEU E 22 -22.97 -10.91 22.72
C LEU E 22 -22.89 -11.30 21.24
N LEU E 23 -22.85 -10.28 20.39
CA LEU E 23 -22.70 -10.47 18.96
C LEU E 23 -21.22 -10.58 18.60
N TYR E 24 -20.94 -11.27 17.50
CA TYR E 24 -19.57 -11.46 17.02
C TYR E 24 -19.56 -11.45 15.50
N LEU E 25 -18.52 -10.85 14.93
CA LEU E 25 -18.31 -10.86 13.49
C LEU E 25 -18.01 -12.29 13.05
N GLY E 26 -18.78 -12.80 12.10
CA GLY E 26 -18.59 -14.16 11.64
C GLY E 26 -18.66 -14.25 10.12
N THR E 27 -18.13 -15.36 9.62
CA THR E 27 -18.21 -15.72 8.21
C THR E 27 -18.86 -17.08 8.08
N ILE E 28 -19.91 -17.17 7.27
CA ILE E 28 -20.65 -18.43 7.13
C ILE E 28 -19.86 -19.37 6.22
N LYS E 29 -19.29 -20.42 6.83
CA LYS E 29 -18.63 -21.48 6.10
C LYS E 29 -19.61 -22.49 5.50
N LYS E 30 -20.83 -22.56 6.02
CA LYS E 30 -21.80 -23.46 5.40
C LYS E 30 -23.19 -23.22 5.97
N VAL E 31 -24.19 -23.49 5.14
CA VAL E 31 -25.59 -23.28 5.48
C VAL E 31 -26.30 -24.62 5.42
N ASP E 32 -27.12 -24.90 6.43
CA ASP E 32 -27.94 -26.10 6.50
C ASP E 32 -29.39 -25.63 6.60
N SER E 33 -30.05 -25.51 5.45
CA SER E 33 -31.41 -24.99 5.42
C SER E 33 -32.34 -25.80 6.32
N ALA E 34 -32.34 -27.13 6.14
CA ALA E 34 -33.27 -27.97 6.89
C ALA E 34 -33.17 -27.72 8.39
N ARG E 35 -31.96 -27.59 8.91
CA ARG E 35 -31.75 -27.46 10.34
C ARG E 35 -31.70 -26.02 10.82
N GLU E 36 -31.90 -25.04 9.94
CA GLU E 36 -31.78 -23.62 10.30
C GLU E 36 -30.49 -23.38 11.08
N VAL E 37 -29.39 -23.89 10.53
CA VAL E 37 -28.10 -23.85 11.20
C VAL E 37 -27.04 -23.48 10.18
N CYS E 38 -26.01 -22.77 10.64
CA CYS E 38 -24.89 -22.38 9.82
C CYS E 38 -23.60 -22.69 10.55
N LEU E 39 -22.61 -23.22 9.85
CA LEU E 39 -21.26 -23.23 10.37
C LEU E 39 -20.67 -21.84 10.16
N VAL E 40 -20.08 -21.27 11.20
CA VAL E 40 -19.61 -19.90 11.15
C VAL E 40 -18.22 -19.84 11.77
N GLN E 41 -17.26 -19.32 11.01
CA GLN E 41 -15.93 -19.08 11.52
C GLN E 41 -15.83 -17.67 12.11
N PHE E 42 -14.92 -17.51 13.07
CA PHE E 42 -14.81 -16.32 13.88
C PHE E 42 -13.37 -15.82 13.87
N GLU E 43 -13.15 -14.67 14.53
CA GLU E 43 -11.88 -13.97 14.38
C GLU E 43 -10.70 -14.75 14.94
N ASP E 44 -10.92 -15.52 16.00
CA ASP E 44 -9.87 -16.39 16.52
C ASP E 44 -9.69 -17.63 15.70
N ASP E 45 -10.23 -17.63 14.47
CA ASP E 45 -10.24 -18.82 13.64
C ASP E 45 -10.95 -19.97 14.34
N SER E 46 -12.08 -19.70 14.96
CA SER E 46 -12.90 -20.75 15.55
C SER E 46 -14.23 -20.80 14.82
N GLN E 47 -14.82 -21.99 14.76
CA GLN E 47 -16.09 -22.17 14.07
C GLN E 47 -17.10 -22.85 14.98
N PHE E 48 -18.34 -22.38 14.89
CA PHE E 48 -19.43 -22.88 15.70
C PHE E 48 -20.66 -23.10 14.82
N LEU E 49 -21.54 -23.99 15.27
CA LEU E 49 -22.84 -24.19 14.63
C LEU E 49 -23.83 -23.24 15.26
N VAL E 50 -24.17 -22.18 14.52
CA VAL E 50 -25.04 -21.11 14.99
C VAL E 50 -26.43 -21.32 14.40
N LEU E 51 -27.46 -21.18 15.23
CA LEU E 51 -28.82 -21.21 14.72
C LEU E 51 -29.10 -19.96 13.90
N TRP E 52 -29.99 -20.12 12.91
CA TRP E 52 -30.34 -19.00 12.05
C TRP E 52 -30.90 -17.83 12.85
N LYS E 53 -31.68 -18.11 13.89
CA LYS E 53 -32.18 -17.05 14.75
C LYS E 53 -31.06 -16.22 15.35
N ASP E 54 -29.85 -16.77 15.42
CA ASP E 54 -28.70 -16.09 16.02
C ASP E 54 -27.75 -15.54 14.96
N ILE E 55 -28.21 -15.39 13.72
CA ILE E 55 -27.40 -14.84 12.64
C ILE E 55 -28.11 -13.65 12.03
N SER E 56 -27.34 -12.63 11.64
CA SER E 56 -27.85 -11.42 11.04
C SER E 56 -26.89 -11.00 9.93
N PRO E 57 -27.36 -10.70 8.72
CA PRO E 57 -26.45 -10.21 7.69
C PRO E 57 -25.77 -8.93 8.15
N ALA E 58 -24.43 -8.91 8.05
CA ALA E 58 -23.66 -7.75 8.47
C ALA E 58 -23.90 -6.51 7.63
N ALA E 59 -24.73 -6.61 6.60
CA ALA E 59 -24.97 -5.53 5.66
C ALA E 59 -26.44 -5.14 5.65
N LEU E 60 -26.70 -3.85 5.44
CA LEU E 60 -28.06 -3.39 5.29
C LEU E 60 -28.60 -3.81 3.92
N PRO E 61 -29.94 -3.86 3.78
CA PRO E 61 -30.54 -4.08 2.45
C PRO E 61 -30.23 -2.91 1.50
N ARG F 7 9.25 16.85 -20.38
CA ARG F 7 9.20 18.23 -19.93
C ARG F 7 10.66 18.42 -19.63
N LEU F 8 11.23 17.24 -19.38
CA LEU F 8 12.63 16.96 -19.22
C LEU F 8 13.13 16.15 -20.41
N TRP F 9 14.37 16.41 -20.81
CA TRP F 9 14.97 15.74 -21.95
C TRP F 9 16.46 15.53 -21.71
N GLU F 10 17.06 14.66 -22.52
CA GLU F 10 18.48 14.38 -22.43
C GLU F 10 19.30 15.59 -22.89
N GLY F 11 20.41 15.83 -22.19
CA GLY F 11 21.24 16.99 -22.45
C GLY F 11 20.77 18.28 -21.82
N GLN F 12 19.66 18.25 -21.08
CA GLN F 12 19.09 19.46 -20.52
C GLN F 12 19.91 19.95 -19.33
N ASP F 13 20.08 21.28 -19.25
CA ASP F 13 20.76 21.92 -18.13
C ASP F 13 19.74 22.23 -17.05
N VAL F 14 19.98 21.72 -15.84
CA VAL F 14 18.99 21.79 -14.76
C VAL F 14 19.69 22.21 -13.47
N LEU F 15 18.87 22.60 -12.50
CA LEU F 15 19.26 22.81 -11.12
C LEU F 15 18.68 21.66 -10.31
N ALA F 16 19.55 20.85 -9.71
CA ALA F 16 19.14 19.72 -8.89
C ALA F 16 19.45 19.99 -7.44
N ARG F 17 18.57 19.55 -6.55
CA ARG F 17 18.72 19.75 -5.12
C ARG F 17 19.27 18.49 -4.45
N TRP F 18 20.37 18.64 -3.72
CA TRP F 18 21.00 17.54 -3.02
C TRP F 18 20.44 17.46 -1.59
N THR F 19 20.98 16.54 -0.79
CA THR F 19 20.50 16.38 0.58
C THR F 19 20.99 17.48 1.50
N ASP F 20 22.08 18.16 1.15
CA ASP F 20 22.48 19.35 1.92
C ASP F 20 21.51 20.50 1.71
N GLY F 21 20.43 20.31 0.97
CA GLY F 21 19.47 21.36 0.73
C GLY F 21 19.92 22.41 -0.26
N LEU F 22 21.05 22.19 -0.94
CA LEU F 22 21.64 23.18 -1.83
C LEU F 22 21.43 22.78 -3.28
N LEU F 23 21.48 23.76 -4.17
CA LEU F 23 21.25 23.56 -5.58
C LEU F 23 22.57 23.43 -6.33
N TYR F 24 22.54 22.59 -7.38
CA TYR F 24 23.72 22.34 -8.20
C TYR F 24 23.32 22.36 -9.66
N LEU F 25 24.26 22.76 -10.50
CA LEU F 25 24.06 22.69 -11.95
C LEU F 25 24.37 21.29 -12.44
N GLY F 26 23.41 20.70 -13.15
CA GLY F 26 23.59 19.37 -13.71
C GLY F 26 23.08 19.31 -15.13
N THR F 27 23.42 18.20 -15.78
CA THR F 27 23.00 17.91 -17.15
C THR F 27 22.23 16.59 -17.14
N ILE F 28 21.00 16.63 -17.62
CA ILE F 28 20.22 15.39 -17.76
C ILE F 28 20.88 14.52 -18.82
N LYS F 29 21.34 13.34 -18.40
CA LYS F 29 21.82 12.32 -19.32
C LYS F 29 20.76 11.28 -19.66
N LYS F 30 19.81 11.04 -18.77
CA LYS F 30 18.75 10.07 -19.05
C LYS F 30 17.47 10.52 -18.37
N VAL F 31 16.35 10.05 -18.88
CA VAL F 31 15.03 10.32 -18.33
C VAL F 31 14.34 8.98 -18.07
N ASP F 32 13.92 8.75 -16.84
CA ASP F 32 13.17 7.55 -16.46
C ASP F 32 11.74 8.00 -16.15
N SER F 33 10.84 7.81 -17.12
CA SER F 33 9.46 8.23 -16.95
C SER F 33 8.61 7.21 -16.19
N ALA F 34 9.13 6.01 -15.94
CA ALA F 34 8.41 5.07 -15.10
C ALA F 34 8.60 5.40 -13.62
N ARG F 35 9.84 5.64 -13.20
CA ARG F 35 10.17 5.96 -11.82
C ARG F 35 10.19 7.45 -11.55
N GLU F 36 10.02 8.28 -12.58
CA GLU F 36 10.04 9.74 -12.43
C GLU F 36 11.37 10.18 -11.82
N VAL F 37 12.44 9.82 -12.52
CA VAL F 37 13.80 10.12 -12.09
C VAL F 37 14.66 10.32 -13.32
N CYS F 38 15.70 11.12 -13.18
CA CYS F 38 16.66 11.37 -14.23
C CYS F 38 18.06 10.98 -13.77
N LEU F 39 18.87 10.50 -14.70
CA LEU F 39 20.30 10.48 -14.48
C LEU F 39 20.84 11.87 -14.77
N VAL F 40 21.60 12.43 -13.83
CA VAL F 40 22.08 13.79 -13.93
C VAL F 40 23.57 13.79 -13.65
N GLN F 41 24.35 14.39 -14.55
CA GLN F 41 25.78 14.53 -14.35
C GLN F 41 26.11 15.94 -13.88
N PHE F 42 27.09 16.05 -12.98
CA PHE F 42 27.45 17.30 -12.35
C PHE F 42 28.88 17.66 -12.71
N GLU F 43 29.34 18.80 -12.16
CA GLU F 43 30.59 19.39 -12.63
C GLU F 43 31.79 18.49 -12.36
N ASP F 44 31.75 17.71 -11.28
CA ASP F 44 32.83 16.77 -11.00
C ASP F 44 32.69 15.46 -11.76
N ASP F 45 31.86 15.43 -12.80
CA ASP F 45 31.59 14.27 -13.64
C ASP F 45 30.83 13.18 -12.92
N SER F 46 30.42 13.38 -11.68
CA SER F 46 29.60 12.41 -10.98
C SER F 46 28.21 12.36 -11.61
N GLN F 47 27.60 11.17 -11.56
CA GLN F 47 26.27 10.94 -12.09
C GLN F 47 25.39 10.37 -10.99
N PHE F 48 24.22 11.00 -10.78
CA PHE F 48 23.29 10.61 -9.74
C PHE F 48 21.91 10.39 -10.35
N LEU F 49 21.14 9.49 -9.74
CA LEU F 49 19.72 9.38 -10.05
C LEU F 49 18.95 10.34 -9.16
N VAL F 50 18.29 11.32 -9.76
CA VAL F 50 17.65 12.42 -9.05
C VAL F 50 16.16 12.38 -9.35
N LEU F 51 15.34 12.49 -8.31
CA LEU F 51 13.89 12.51 -8.49
C LEU F 51 13.45 13.78 -9.20
N TRP F 52 12.44 13.65 -10.07
CA TRP F 52 11.91 14.81 -10.77
C TRP F 52 11.51 15.93 -9.82
N LYS F 53 11.00 15.57 -8.64
CA LYS F 53 10.64 16.58 -7.64
C LYS F 53 11.82 17.43 -7.23
N ASP F 54 13.04 16.93 -7.40
CA ASP F 54 14.23 17.65 -6.96
C ASP F 54 15.00 18.27 -8.12
N ILE F 55 14.35 18.40 -9.28
CA ILE F 55 14.95 18.99 -10.47
C ILE F 55 14.13 20.22 -10.86
N SER F 56 14.82 21.22 -11.40
CA SER F 56 14.19 22.39 -11.99
C SER F 56 14.92 22.68 -13.29
N PRO F 57 14.22 23.12 -14.32
CA PRO F 57 14.91 23.60 -15.53
C PRO F 57 15.83 24.77 -15.18
N ALA F 58 16.99 24.80 -15.85
CA ALA F 58 17.92 25.92 -15.75
C ALA F 58 17.60 27.01 -16.75
N ALA F 59 16.33 27.23 -17.05
CA ALA F 59 15.90 28.21 -18.04
C ALA F 59 14.51 28.69 -17.67
N LEU F 60 14.31 30.01 -17.74
CA LEU F 60 13.00 30.57 -17.47
C LEU F 60 11.96 29.97 -18.41
N PRO F 61 10.68 29.95 -18.00
CA PRO F 61 9.60 29.48 -18.87
C PRO F 61 9.45 30.34 -20.11
N ARG G 7 23.14 6.87 6.04
CA ARG G 7 22.63 5.63 6.62
C ARG G 7 21.11 5.56 6.50
N LEU G 8 20.46 6.72 6.42
CA LEU G 8 19.03 6.82 6.23
C LEU G 8 18.74 7.00 4.74
N TRP G 9 17.50 6.71 4.34
CA TRP G 9 17.17 6.80 2.93
C TRP G 9 15.66 7.02 2.76
N GLU G 10 15.27 7.16 1.50
CA GLU G 10 13.96 7.66 1.12
C GLU G 10 12.96 6.51 1.16
N GLY G 11 11.94 6.65 2.01
CA GLY G 11 10.99 5.57 2.23
C GLY G 11 11.42 4.54 3.24
N GLN G 12 12.49 4.80 3.98
CA GLN G 12 12.95 3.85 5.00
C GLN G 12 11.95 3.79 6.16
N ASP G 13 11.72 2.56 6.64
CA ASP G 13 11.01 2.36 7.89
C ASP G 13 11.96 2.64 9.04
N VAL G 14 11.52 3.44 10.01
CA VAL G 14 12.39 3.88 11.10
C VAL G 14 11.57 3.99 12.38
N LEU G 15 12.29 4.09 13.49
CA LEU G 15 11.74 4.33 14.82
C LEU G 15 12.18 5.73 15.24
N ALA G 16 11.20 6.61 15.47
CA ALA G 16 11.47 8.00 15.78
C ALA G 16 10.95 8.32 17.17
N ARG G 17 11.79 8.94 18.00
CA ARG G 17 11.44 9.25 19.38
C ARG G 17 10.81 10.63 19.46
N TRP G 18 9.71 10.74 20.19
CA TRP G 18 8.99 11.98 20.38
C TRP G 18 9.34 12.57 21.75
N THR G 19 8.92 13.81 21.99
CA THR G 19 9.24 14.47 23.24
C THR G 19 8.62 13.78 24.45
N ASP G 20 7.66 12.88 24.23
CA ASP G 20 7.13 12.04 25.31
C ASP G 20 8.00 10.81 25.56
N GLY G 21 9.23 10.79 25.05
CA GLY G 21 10.12 9.67 25.22
C GLY G 21 9.75 8.42 24.47
N LEU G 22 8.54 8.33 23.93
CA LEU G 22 8.08 7.11 23.29
C LEU G 22 8.53 7.05 21.84
N LEU G 23 8.71 5.84 21.34
CA LEU G 23 9.07 5.62 19.95
C LEU G 23 7.82 5.45 19.10
N TYR G 24 7.96 5.79 17.82
CA TYR G 24 6.87 5.69 16.87
C TYR G 24 7.42 5.14 15.56
N LEU G 25 6.66 4.23 14.94
CA LEU G 25 6.96 3.84 13.57
C LEU G 25 6.79 5.05 12.66
N GLY G 26 7.78 5.27 11.79
CA GLY G 26 7.71 6.36 10.84
C GLY G 26 8.39 5.97 9.55
N THR G 27 8.11 6.75 8.52
CA THR G 27 8.70 6.58 7.20
C THR G 27 9.46 7.85 6.84
N ILE G 28 10.76 7.71 6.61
CA ILE G 28 11.53 8.85 6.11
C ILE G 28 11.00 9.23 4.73
N LYS G 29 10.89 10.54 4.48
CA LYS G 29 10.44 11.07 3.21
C LYS G 29 11.43 12.00 2.55
N LYS G 30 12.48 12.42 3.27
CA LYS G 30 13.59 13.15 2.68
C LYS G 30 14.68 13.38 3.72
N VAL G 31 15.94 13.31 3.29
CA VAL G 31 17.08 13.36 4.19
C VAL G 31 17.77 14.71 4.03
N ASP G 32 17.96 15.42 5.15
CA ASP G 32 18.70 16.68 5.19
C ASP G 32 20.03 16.39 5.87
N SER G 33 21.08 16.22 5.07
CA SER G 33 22.39 15.88 5.62
C SER G 33 23.20 17.09 6.05
N ALA G 34 22.75 18.31 5.73
CA ALA G 34 23.40 19.48 6.29
C ALA G 34 22.99 19.71 7.74
N ARG G 35 21.73 19.45 8.06
CA ARG G 35 21.17 19.75 9.36
C ARG G 35 20.95 18.52 10.21
N GLU G 36 21.28 17.33 9.70
CA GLU G 36 21.13 16.07 10.43
C GLU G 36 19.71 15.94 10.99
N VAL G 37 18.74 16.08 10.09
CA VAL G 37 17.34 15.91 10.41
C VAL G 37 16.66 15.19 9.26
N CYS G 38 15.47 14.67 9.53
CA CYS G 38 14.71 13.92 8.56
C CYS G 38 13.27 14.39 8.58
N LEU G 39 12.68 14.54 7.40
CA LEU G 39 11.24 14.69 7.29
C LEU G 39 10.64 13.29 7.41
N VAL G 40 9.80 13.07 8.41
CA VAL G 40 9.33 11.73 8.74
C VAL G 40 7.80 11.77 8.84
N GLN G 41 7.15 10.86 8.11
CA GLN G 41 5.71 10.72 8.13
C GLN G 41 5.31 9.59 9.06
N PHE G 42 4.17 9.73 9.70
CA PHE G 42 3.73 8.80 10.73
C PHE G 42 2.35 8.25 10.40
N GLU G 43 1.85 7.39 11.29
CA GLU G 43 0.63 6.64 11.01
C GLU G 43 -0.57 7.57 10.82
N ASP G 44 -0.55 8.74 11.45
CA ASP G 44 -1.64 9.70 11.33
C ASP G 44 -1.43 10.67 10.16
N ASP G 45 -0.50 10.38 9.26
CA ASP G 45 -0.18 11.14 8.06
C ASP G 45 0.61 12.40 8.37
N SER G 46 0.78 12.78 9.64
CA SER G 46 1.51 13.99 9.97
C SER G 46 3.00 13.80 9.71
N GLN G 47 3.66 14.85 9.25
CA GLN G 47 5.09 14.85 8.98
C GLN G 47 5.79 15.78 9.94
N PHE G 48 6.90 15.31 10.51
CA PHE G 48 7.69 16.07 11.47
C PHE G 48 9.14 16.10 11.02
N LEU G 49 9.85 17.14 11.45
CA LEU G 49 11.31 17.18 11.33
C LEU G 49 11.89 16.54 12.58
N VAL G 50 12.62 15.45 12.40
CA VAL G 50 13.13 14.65 13.51
C VAL G 50 14.65 14.56 13.36
N LEU G 51 15.37 14.98 14.39
CA LEU G 51 16.82 14.86 14.36
C LEU G 51 17.22 13.40 14.16
N TRP G 52 18.34 13.20 13.46
CA TRP G 52 18.88 11.86 13.35
C TRP G 52 19.12 11.25 14.72
N LYS G 53 19.50 12.08 15.70
CA LYS G 53 19.70 11.58 17.07
C LYS G 53 18.49 10.82 17.56
N ASP G 54 17.29 11.25 17.17
CA ASP G 54 16.04 10.62 17.60
C ASP G 54 15.50 9.63 16.59
N ILE G 55 16.33 9.18 15.64
CA ILE G 55 15.91 8.30 14.56
C ILE G 55 16.77 7.05 14.57
N SER G 56 16.14 5.90 14.40
CA SER G 56 16.86 4.64 14.30
C SER G 56 16.27 3.81 13.17
N PRO G 57 17.06 2.97 12.53
CA PRO G 57 16.50 2.01 11.57
C PRO G 57 15.52 1.06 12.24
N ALA G 58 14.46 0.73 11.52
CA ALA G 58 13.48 -0.25 11.97
C ALA G 58 13.86 -1.68 11.58
N ALA G 59 15.13 -1.93 11.32
CA ALA G 59 15.62 -3.24 10.92
C ALA G 59 16.93 -3.54 11.64
N LEU G 60 17.20 -4.82 11.84
CA LEU G 60 18.40 -5.24 12.54
C LEU G 60 19.63 -5.00 11.67
N PRO G 61 20.82 -4.91 12.29
CA PRO G 61 22.10 -4.73 11.59
C PRO G 61 22.36 -5.83 10.57
N PRO H 6 0.45 -10.35 1.02
CA PRO H 6 0.45 -11.16 2.25
C PRO H 6 0.60 -10.32 3.52
N ARG H 7 0.56 -10.98 4.67
CA ARG H 7 0.84 -10.32 5.94
C ARG H 7 2.33 -10.29 6.27
N LEU H 8 2.98 -11.44 6.25
CA LEU H 8 4.39 -11.55 6.57
C LEU H 8 5.14 -12.25 5.44
N TRP H 9 6.47 -12.21 5.51
CA TRP H 9 7.30 -12.88 4.52
C TRP H 9 8.71 -13.04 5.07
N GLU H 10 9.49 -13.89 4.39
CA GLU H 10 10.87 -14.15 4.82
C GLU H 10 11.75 -12.94 4.56
N GLY H 11 12.52 -12.55 5.57
CA GLY H 11 13.36 -11.36 5.47
C GLY H 11 12.66 -10.08 5.87
N GLN H 12 11.42 -10.14 6.33
CA GLN H 12 10.69 -8.95 6.75
C GLN H 12 11.15 -8.48 8.12
N ASP H 13 11.27 -7.16 8.28
CA ASP H 13 11.60 -6.56 9.56
C ASP H 13 10.34 -6.47 10.43
N VAL H 14 10.44 -6.94 11.67
CA VAL H 14 9.28 -7.03 12.54
C VAL H 14 9.66 -6.59 13.95
N LEU H 15 8.62 -6.30 14.73
CA LEU H 15 8.69 -6.12 16.17
C LEU H 15 8.06 -7.35 16.81
N ALA H 16 8.82 -8.04 17.66
CA ALA H 16 8.38 -9.30 18.26
C ALA H 16 8.37 -9.16 19.78
N ARG H 17 7.29 -9.60 20.42
CA ARG H 17 7.14 -9.49 21.86
C ARG H 17 7.52 -10.80 22.52
N TRP H 18 8.46 -10.72 23.45
CA TRP H 18 8.93 -11.82 24.28
C TRP H 18 8.13 -11.91 25.58
N THR H 19 8.43 -12.90 26.43
CA THR H 19 7.56 -13.18 27.57
C THR H 19 7.67 -12.10 28.64
N ASP H 20 8.71 -11.28 28.58
CA ASP H 20 8.86 -10.14 29.47
C ASP H 20 7.92 -9.00 29.13
N GLY H 21 7.18 -9.10 28.02
CA GLY H 21 6.32 -8.02 27.60
C GLY H 21 7.03 -6.89 26.88
N LEU H 22 8.22 -7.15 26.36
CA LEU H 22 9.01 -6.15 25.66
C LEU H 22 9.09 -6.50 24.18
N LEU H 23 9.23 -5.47 23.34
CA LEU H 23 9.38 -5.65 21.91
C LEU H 23 10.85 -5.63 21.52
N TYR H 24 11.20 -6.45 20.55
CA TYR H 24 12.54 -6.57 20.01
C TYR H 24 12.47 -6.52 18.49
N LEU H 25 13.43 -5.82 17.88
CA LEU H 25 13.54 -5.88 16.43
C LEU H 25 14.01 -7.26 16.00
N GLY H 26 13.32 -7.84 15.01
CA GLY H 26 13.68 -9.15 14.51
C GLY H 26 13.45 -9.25 13.02
N THR H 27 13.97 -10.35 12.45
CA THR H 27 13.81 -10.65 11.03
C THR H 27 13.07 -11.98 10.88
N ILE H 28 12.06 -11.99 10.01
CA ILE H 28 11.33 -13.23 9.74
C ILE H 28 12.17 -14.13 8.85
N LYS H 29 12.37 -15.37 9.29
CA LYS H 29 13.14 -16.37 8.55
C LYS H 29 12.28 -17.49 7.99
N LYS H 30 11.15 -17.80 8.63
CA LYS H 30 10.20 -18.79 8.14
C LYS H 30 8.82 -18.41 8.63
N VAL H 31 7.82 -18.65 7.80
CA VAL H 31 6.43 -18.34 8.11
C VAL H 31 5.63 -19.62 8.04
N ASP H 32 5.10 -20.06 9.18
CA ASP H 32 4.16 -21.18 9.22
C ASP H 32 2.77 -20.58 9.33
N SER H 33 2.03 -20.60 8.22
CA SER H 33 0.68 -20.05 8.19
C SER H 33 -0.34 -21.02 8.78
N ALA H 34 -0.01 -22.30 8.87
CA ALA H 34 -0.93 -23.27 9.45
C ALA H 34 -0.99 -23.11 10.97
N ARG H 35 0.17 -23.18 11.63
CA ARG H 35 0.26 -22.96 13.07
C ARG H 35 0.25 -21.49 13.44
N GLU H 36 0.24 -20.60 12.45
CA GLU H 36 0.38 -19.16 12.68
C GLU H 36 1.55 -18.90 13.64
N VAL H 37 2.72 -19.33 13.18
CA VAL H 37 3.98 -19.22 13.91
C VAL H 37 5.06 -18.84 12.90
N CYS H 38 6.01 -18.04 13.36
CA CYS H 38 7.14 -17.66 12.52
C CYS H 38 8.44 -17.97 13.25
N LEU H 39 9.45 -18.37 12.48
CA LEU H 39 10.82 -18.35 12.98
C LEU H 39 11.35 -16.93 12.80
N VAL H 40 11.91 -16.36 13.87
CA VAL H 40 12.38 -14.99 13.85
C VAL H 40 13.77 -14.94 14.47
N GLN H 41 14.71 -14.33 13.75
CA GLN H 41 16.06 -14.13 14.25
C GLN H 41 16.18 -12.75 14.86
N PHE H 42 17.07 -12.62 15.85
CA PHE H 42 17.21 -11.39 16.61
C PHE H 42 18.67 -10.96 16.63
N GLU H 43 18.94 -9.85 17.33
CA GLU H 43 20.21 -9.15 17.17
C GLU H 43 21.40 -10.03 17.57
N ASP H 44 21.23 -10.84 18.61
CA ASP H 44 22.29 -11.75 19.03
C ASP H 44 22.41 -12.97 18.13
N ASP H 45 21.74 -12.96 16.98
CA ASP H 45 21.64 -14.07 16.03
C ASP H 45 20.78 -15.21 16.57
N SER H 46 20.22 -15.08 17.76
CA SER H 46 19.33 -16.10 18.29
C SER H 46 18.05 -16.18 17.47
N GLN H 47 17.42 -17.35 17.49
CA GLN H 47 16.19 -17.61 16.73
C GLN H 47 15.13 -18.15 17.66
N PHE H 48 13.91 -17.63 17.52
CA PHE H 48 12.78 -18.07 18.34
C PHE H 48 11.56 -18.29 17.47
N LEU H 49 10.68 -19.17 17.92
CA LEU H 49 9.36 -19.33 17.33
C LEU H 49 8.41 -18.34 18.00
N VAL H 50 7.84 -17.44 17.21
CA VAL H 50 6.96 -16.39 17.70
C VAL H 50 5.58 -16.60 17.10
N LEU H 51 4.59 -16.72 17.97
CA LEU H 51 3.20 -16.75 17.51
C LEU H 51 2.86 -15.42 16.83
N TRP H 52 2.11 -15.49 15.73
CA TRP H 52 1.74 -14.27 15.01
C TRP H 52 1.18 -13.21 15.95
N LYS H 53 0.47 -13.63 17.00
CA LYS H 53 -0.08 -12.68 17.95
C LYS H 53 0.99 -11.82 18.59
N ASP H 54 2.25 -12.27 18.58
CA ASP H 54 3.37 -11.55 19.16
C ASP H 54 4.30 -10.99 18.08
N ILE H 55 3.75 -10.66 16.92
CA ILE H 55 4.51 -10.12 15.81
C ILE H 55 3.77 -8.92 15.24
N SER H 56 4.53 -7.92 14.81
CA SER H 56 3.99 -6.78 14.08
C SER H 56 5.01 -6.39 13.02
N PRO H 57 4.57 -6.02 11.83
CA PRO H 57 5.53 -5.46 10.87
C PRO H 57 6.14 -4.17 11.39
N ALA H 58 7.43 -3.97 11.09
CA ALA H 58 8.15 -2.76 11.48
C ALA H 58 8.05 -1.66 10.44
N ALA H 59 6.91 -1.56 9.75
CA ALA H 59 6.70 -0.55 8.72
C ALA H 59 5.26 -0.07 8.79
N LEU H 60 5.06 1.22 8.54
CA LEU H 60 3.71 1.77 8.51
C LEU H 60 3.01 1.34 7.22
N PRO H 61 1.67 1.25 7.24
CA PRO H 61 0.87 0.88 6.07
C PRO H 61 1.26 1.65 4.81
N GLY I 1 6.54 -4.91 -10.34
CA GLY I 1 7.42 -5.53 -9.37
C GLY I 1 6.68 -6.01 -8.14
N GLY I 2 7.41 -6.55 -7.18
CA GLY I 2 6.84 -7.05 -5.94
C GLY I 2 7.52 -6.41 -4.76
N VAL I 3 7.79 -7.23 -3.75
CA VAL I 3 8.43 -6.80 -2.51
C VAL I 3 9.93 -7.05 -2.60
C10 Y57 I 4 15.59 -0.65 -0.23
N Y57 I 4 10.72 -6.07 -2.19
CA Y57 I 4 12.17 -6.20 -2.15
C Y57 I 4 12.57 -6.81 -0.81
O Y57 I 4 12.29 -6.23 0.25
CB Y57 I 4 12.85 -4.84 -2.34
CG Y57 I 4 14.37 -4.89 -2.40
CD Y57 I 4 15.00 -3.82 -1.51
CE Y57 I 4 14.98 -2.43 -2.15
C01 Y57 I 4 19.18 -1.30 -3.07
C02 Y57 I 4 19.76 -2.53 -2.77
C03 Y57 I 4 21.11 -2.73 -2.98
C04 Y57 I 4 21.90 -1.71 -3.49
C05 Y57 I 4 21.33 -0.48 -3.80
C06 Y57 I 4 19.97 -0.28 -3.58
C07 Y57 I 4 17.69 -1.09 -2.84
C08 Y57 I 4 17.19 -1.80 -1.58
C11 Y57 I 4 15.96 0.79 -0.61
C12 Y57 I 4 16.38 -1.15 0.97
NZ Y57 I 4 15.78 -1.55 -1.37
N LYS I 5 13.19 -8.00 -0.84
CA LYS I 5 13.61 -8.58 0.41
C LYS I 5 15.12 -8.69 0.49
N PRO I 6 15.72 -8.42 1.64
CA PRO I 6 17.14 -8.66 1.81
C PRO I 6 17.44 -10.14 2.00
N LEU I 7 18.70 -10.49 1.82
CA LEU I 7 19.12 -11.88 1.94
C LEU I 7 19.48 -12.22 3.39
N GLY J 1 -25.09 -10.05 -13.09
CA GLY J 1 -24.08 -10.36 -12.10
C GLY J 1 -24.67 -10.47 -10.70
N GLY J 2 -24.16 -11.41 -9.92
CA GLY J 2 -24.68 -11.66 -8.60
C GLY J 2 -23.85 -11.04 -7.49
N VAL J 3 -23.60 -11.82 -6.44
CA VAL J 3 -22.95 -11.34 -5.23
C VAL J 3 -21.48 -11.72 -5.24
C10 Y57 J 4 -15.78 -5.56 -3.07
N Y57 J 4 -20.62 -10.77 -4.88
CA Y57 J 4 -19.18 -10.98 -4.86
C Y57 J 4 -18.78 -11.59 -3.52
O Y57 J 4 -19.01 -10.98 -2.47
CB Y57 J 4 -18.46 -9.66 -5.10
CG Y57 J 4 -16.95 -9.79 -5.27
CD Y57 J 4 -16.31 -8.44 -5.50
CE Y57 J 4 -16.37 -7.57 -4.25
C01 Y57 J 4 -12.22 -6.44 -6.07
C02 Y57 J 4 -11.67 -7.69 -5.89
C03 Y57 J 4 -10.31 -7.89 -6.08
C04 Y57 J 4 -9.51 -6.84 -6.47
C05 Y57 J 4 -10.06 -5.58 -6.66
C06 Y57 J 4 -11.42 -5.38 -6.46
C07 Y57 J 4 -13.72 -6.23 -5.85
C08 Y57 J 4 -14.18 -6.66 -4.45
C11 Y57 J 4 -15.28 -4.14 -3.30
C12 Y57 J 4 -15.09 -6.23 -1.88
NZ Y57 J 4 -15.59 -6.37 -4.28
N LYS J 5 -18.17 -12.77 -3.56
CA LYS J 5 -17.78 -13.42 -2.32
C LYS J 5 -16.27 -13.41 -2.14
N PRO J 6 -15.79 -13.16 -0.92
CA PRO J 6 -14.36 -13.36 -0.64
C PRO J 6 -14.04 -14.84 -0.43
N LEU J 7 -12.93 -15.27 -1.01
CA LEU J 7 -12.54 -16.67 -0.95
C LEU J 7 -11.56 -16.92 0.20
N GLY K 1 -34.92 2.43 3.06
CA GLY K 1 -36.11 2.50 3.87
C GLY K 1 -36.15 1.46 4.97
N GLY K 2 -36.42 1.90 6.19
CA GLY K 2 -36.47 1.01 7.33
C GLY K 2 -36.39 1.80 8.63
N VAL K 3 -35.84 1.14 9.65
CA VAL K 3 -35.67 1.72 10.97
C VAL K 3 -34.24 1.49 11.44
C10 Y57 K 4 -29.69 7.71 15.47
N Y57 K 4 -33.70 2.44 12.18
CA Y57 K 4 -32.34 2.37 12.68
C Y57 K 4 -32.31 1.71 14.04
O Y57 K 4 -33.06 2.09 14.95
CB Y57 K 4 -31.73 3.77 12.75
CG Y57 K 4 -30.26 3.80 13.12
CD Y57 K 4 -29.71 5.21 13.03
CE Y57 K 4 -30.19 6.06 14.20
C01 Y57 K 4 -25.41 7.07 13.44
C02 Y57 K 4 -24.85 5.87 13.84
C03 Y57 K 4 -23.47 5.72 13.88
C04 Y57 K 4 -22.65 6.78 13.52
C05 Y57 K 4 -23.20 7.98 13.11
C06 Y57 K 4 -24.58 8.13 13.07
C07 Y57 K 4 -26.91 7.23 13.39
C08 Y57 K 4 -27.59 6.89 14.72
C11 Y57 K 4 -29.05 9.10 15.45
C12 Y57 K 4 -29.66 7.08 16.86
NZ Y57 K 4 -29.03 6.84 14.52
N LYS K 5 -31.45 0.70 14.20
CA LYS K 5 -31.34 -0.03 15.45
C LYS K 5 -29.88 -0.25 15.80
N PRO K 6 -29.52 -0.16 17.08
CA PRO K 6 -28.15 -0.44 17.50
C PRO K 6 -27.93 -1.93 17.75
N LEU K 7 -26.66 -2.31 17.72
CA LEU K 7 -26.28 -3.71 17.91
C LEU K 7 -26.19 -4.05 19.40
N GLY L 1 3.63 12.39 -19.32
CA GLY L 1 3.84 12.51 -17.89
C GLY L 1 3.82 13.94 -17.39
N GLY L 2 4.10 14.11 -16.10
CA GLY L 2 4.11 15.42 -15.49
C GLY L 2 3.73 15.31 -14.02
N VAL L 3 3.34 16.44 -13.45
CA VAL L 3 2.94 16.55 -12.05
C VAL L 3 1.44 16.81 -11.99
C10 Y57 L 4 -3.75 11.80 -6.70
N Y57 L 4 0.72 15.95 -11.26
CA Y57 L 4 -0.72 16.13 -11.06
C Y57 L 4 -0.94 17.22 -10.02
O Y57 L 4 -0.46 17.12 -8.89
CB Y57 L 4 -1.35 14.81 -10.62
CG Y57 L 4 -2.84 14.92 -10.31
CD Y57 L 4 -3.46 13.54 -10.12
CE Y57 L 4 -3.50 13.15 -8.65
C01 Y57 L 4 -7.78 11.58 -9.41
C02 Y57 L 4 -8.43 12.81 -9.39
C03 Y57 L 4 -9.81 12.87 -9.49
C04 Y57 L 4 -10.54 11.70 -9.59
C05 Y57 L 4 -9.90 10.48 -9.62
C06 Y57 L 4 -8.52 10.42 -9.53
C07 Y57 L 4 -6.26 11.52 -9.31
C08 Y57 L 4 -5.71 12.15 -8.03
C11 Y57 L 4 -4.33 10.46 -6.22
C12 Y57 L 4 -4.09 12.95 -5.75
NZ Y57 L 4 -4.26 12.10 -8.04
N LYS L 5 -1.69 18.26 -10.40
CA LYS L 5 -1.91 19.40 -9.54
C LYS L 5 -3.39 19.64 -9.36
N PRO L 6 -3.87 19.85 -8.13
CA PRO L 6 -5.26 20.25 -7.93
C PRO L 6 -5.47 21.72 -8.21
N LEU L 7 -6.68 22.04 -8.68
CA LEU L 7 -7.02 23.41 -9.06
C LEU L 7 -7.23 24.29 -7.82
N GLY M 1 -5.62 -15.74 12.63
CA GLY M 1 -6.72 -15.33 13.47
C GLY M 1 -6.26 -14.39 14.57
N GLY M 2 -6.96 -13.28 14.72
CA GLY M 2 -6.61 -12.31 15.74
C GLY M 2 -7.06 -12.73 17.12
N VAL M 3 -8.14 -12.11 17.60
CA VAL M 3 -8.74 -12.46 18.89
C VAL M 3 -10.21 -12.13 18.83
C10 Y57 M 4 -15.72 -18.08 21.50
N Y57 M 4 -11.05 -13.12 19.16
CA Y57 M 4 -12.49 -12.93 19.16
C Y57 M 4 -12.87 -11.72 20.01
O Y57 M 4 -12.51 -11.63 21.19
CB Y57 M 4 -13.15 -14.20 19.70
CG Y57 M 4 -14.64 -14.26 19.55
CD Y57 M 4 -15.06 -15.70 19.40
CE Y57 M 4 -15.50 -16.26 20.73
C01 Y57 M 4 -19.46 -17.28 18.65
C02 Y57 M 4 -20.13 -16.09 18.43
C03 Y57 M 4 -21.46 -16.09 18.07
C04 Y57 M 4 -22.14 -17.29 17.94
C05 Y57 M 4 -21.48 -18.49 18.16
C06 Y57 M 4 -20.14 -18.48 18.52
C07 Y57 M 4 -17.99 -17.28 19.04
C08 Y57 M 4 -17.83 -17.67 20.51
C11 Y57 M 4 -16.48 -19.09 22.37
C12 Y57 M 4 -15.06 -18.73 20.29
NZ Y57 M 4 -16.65 -17.04 21.06
N LYS M 5 -13.61 -10.80 19.41
CA LYS M 5 -13.96 -9.52 20.05
C LYS M 5 -15.46 -9.34 20.04
N PRO M 6 -16.10 -9.13 21.20
CA PRO M 6 -17.55 -8.95 21.23
C PRO M 6 -17.97 -7.57 20.77
N LEU M 7 -19.18 -7.50 20.21
CA LEU M 7 -19.75 -6.27 19.69
C LEU M 7 -20.76 -5.68 20.66
N GLY N 1 36.41 16.31 -15.66
CA GLY N 1 36.83 17.07 -14.50
C GLY N 1 35.89 18.21 -14.15
N GLY N 2 36.24 18.96 -13.12
CA GLY N 2 35.49 20.12 -12.71
C GLY N 2 35.30 20.12 -11.20
N VAL N 3 34.47 21.02 -10.70
CA VAL N 3 34.17 21.06 -9.27
C VAL N 3 32.76 21.58 -9.01
C10 Y57 N 4 27.92 16.01 -3.74
N Y57 N 4 31.96 20.72 -8.40
CA Y57 N 4 30.56 21.00 -8.13
C Y57 N 4 30.45 21.97 -6.96
O Y57 N 4 30.88 21.66 -5.84
CB Y57 N 4 29.84 19.67 -7.87
CG Y57 N 4 29.32 19.45 -6.49
CD Y57 N 4 28.29 18.34 -6.54
CE Y57 N 4 28.04 17.78 -5.16
C01 Y57 N 4 24.20 16.14 -6.52
C02 Y57 N 4 23.39 15.02 -6.38
C03 Y57 N 4 22.01 15.15 -6.45
C04 Y57 N 4 21.45 16.41 -6.65
C05 Y57 N 4 22.26 17.52 -6.80
C06 Y57 N 4 23.63 17.38 -6.73
C07 Y57 N 4 25.72 15.98 -6.45
C08 Y57 N 4 26.37 16.82 -5.36
C11 Y57 N 4 27.49 17.18 -2.85
C12 Y57 N 4 27.14 14.74 -3.42
NZ Y57 N 4 27.74 16.37 -5.14
N LYS N 5 29.90 23.15 -7.24
CA LYS N 5 29.78 24.23 -6.27
C LYS N 5 28.30 24.52 -6.06
N PRO N 6 27.79 24.45 -4.84
CA PRO N 6 26.36 24.73 -4.62
C PRO N 6 26.05 26.20 -4.82
N LEU N 7 24.76 26.51 -4.79
CA LEU N 7 24.29 27.87 -5.01
C LEU N 7 23.55 28.42 -3.80
N GLY O 1 -4.96 8.51 6.89
CA GLY O 1 -4.14 7.76 7.83
C GLY O 1 -4.91 7.24 9.04
N GLY O 2 -4.19 6.58 9.94
CA GLY O 2 -4.79 6.00 11.13
C GLY O 2 -4.45 6.73 12.41
N VAL O 3 -4.27 5.97 13.50
CA VAL O 3 -4.02 6.53 14.82
C VAL O 3 -2.56 6.27 15.19
C10 Y57 O 4 2.23 12.71 18.43
N Y57 O 4 -1.86 7.33 15.58
CA Y57 O 4 -0.50 7.16 16.05
C Y57 O 4 -0.46 6.18 17.22
O Y57 O 4 -1.38 6.11 18.04
CB Y57 O 4 0.11 8.50 16.49
CG Y57 O 4 0.62 9.34 15.33
CD Y57 O 4 1.87 10.13 15.75
CE Y57 O 4 1.57 11.02 16.95
C01 Y57 O 4 6.28 12.05 16.29
C02 Y57 O 4 6.88 10.85 16.64
C03 Y57 O 4 8.26 10.78 16.82
C04 Y57 O 4 9.02 11.91 16.62
C05 Y57 O 4 8.43 13.11 16.26
C06 Y57 O 4 7.06 13.18 16.10
C07 Y57 O 4 4.76 12.11 16.10
C08 Y57 O 4 3.99 11.57 17.30
C11 Y57 O 4 2.70 14.15 18.34
C12 Y57 O 4 2.79 11.99 19.67
NZ Y57 O 4 2.59 11.98 17.23
N LYS O 5 0.62 5.42 17.29
CA LYS O 5 0.73 4.38 18.30
C LYS O 5 2.14 4.38 18.88
N PRO O 6 2.30 4.75 20.14
CA PRO O 6 3.59 4.55 20.80
C PRO O 6 3.86 3.07 20.99
N LEU O 7 5.14 2.70 20.91
CA LEU O 7 5.53 1.30 21.04
C LEU O 7 6.03 1.00 22.44
N GLY P 1 26.50 -11.54 15.05
CA GLY P 1 26.17 -11.48 16.46
C GLY P 1 25.71 -10.10 16.89
N GLY P 2 25.71 -9.86 18.19
CA GLY P 2 25.27 -8.59 18.75
C GLY P 2 24.61 -8.80 20.10
N VAL P 3 24.19 -7.69 20.68
CA VAL P 3 23.49 -7.67 21.96
C VAL P 3 22.02 -7.39 21.66
C10 Y57 P 4 15.84 -12.76 25.32
N Y57 P 4 21.16 -8.40 21.82
CA Y57 P 4 19.75 -8.17 21.62
C Y57 P 4 19.26 -7.12 22.61
O Y57 P 4 19.66 -7.12 23.78
CB Y57 P 4 18.95 -9.47 21.77
CG Y57 P 4 17.70 -9.34 22.63
CD Y57 P 4 16.73 -10.48 22.36
CE Y57 P 4 16.42 -11.25 23.64
C01 Y57 P 4 12.72 -12.91 21.71
C02 Y57 P 4 12.06 -11.70 21.60
C03 Y57 P 4 10.71 -11.68 21.25
C04 Y57 P 4 10.04 -12.87 21.00
C05 Y57 P 4 10.71 -14.07 21.09
C06 Y57 P 4 12.05 -14.09 21.45
C07 Y57 P 4 14.20 -12.94 22.10
C08 Y57 P 4 14.45 -12.26 23.44
C11 Y57 P 4 15.03 -11.68 26.05
C12 Y57 P 4 15.31 -14.16 25.62
NZ Y57 P 4 15.81 -12.52 23.89
N LYS P 5 18.42 -6.21 22.13
CA LYS P 5 18.06 -5.03 22.90
C LYS P 5 16.55 -4.81 22.81
N PRO P 6 15.87 -4.67 23.95
CA PRO P 6 14.46 -4.28 23.89
C PRO P 6 14.34 -2.85 23.39
N LEU P 7 13.21 -2.56 22.74
CA LEU P 7 13.00 -1.21 22.22
C LEU P 7 12.97 -0.18 23.34
N ARG P 8 12.65 -0.60 24.56
CA ARG P 8 12.51 0.30 25.70
C ARG P 8 13.71 1.25 25.78
ZN ZN Q . -24.68 -8.98 -14.56
ZN ZN R . 6.93 -5.10 -12.25
ZN ZN S . -33.21 2.84 2.05
S DMS T . -18.13 26.57 -25.07
O DMS T . -17.01 26.22 -24.13
C1 DMS T . -17.59 27.91 -26.15
C2 DMS T . -19.46 27.39 -24.16
H11 DMS T . -18.43 28.32 -26.65
H12 DMS T . -16.90 27.54 -26.86
H13 DMS T . -17.13 28.68 -25.57
H21 DMS T . -20.33 27.43 -24.78
H22 DMS T . -19.17 28.38 -23.91
H23 DMS T . -19.69 26.84 -23.28
ZN ZN U . 1.86 12.41 -20.07
S DMS V . -13.52 -12.80 5.00
O DMS V . -12.46 -12.62 6.02
C1 DMS V . -15.00 -11.86 5.46
C2 DMS V . -14.17 -14.49 5.09
H11 DMS V . -15.70 -12.50 5.92
H12 DMS V . -15.43 -11.44 4.60
H13 DMS V . -14.73 -11.09 6.14
H21 DMS V . -14.90 -14.63 4.35
H22 DMS V . -14.60 -14.66 6.04
H23 DMS V . -13.37 -15.17 4.94
ZN ZN W . -5.91 -17.15 11.40
S DMS X . 18.49 -7.94 8.16
O DMS X . 17.80 -9.24 8.42
C1 DMS X . 19.86 -7.74 9.34
C2 DMS X . 17.46 -6.54 8.68
H11 DMS X . 20.39 -6.85 9.12
H12 DMS X . 19.47 -7.68 10.32
H13 DMS X . 20.51 -8.57 9.27
H21 DMS X . 17.74 -6.24 9.65
H22 DMS X . 17.58 -5.74 8.01
H23 DMS X . 16.44 -6.84 8.70
ZN ZN Y . 25.82 -12.58 13.30
#